data_2YLZ
#
_entry.id   2YLZ
#
_cell.length_a   86.800
_cell.length_b   115.910
_cell.length_c   166.580
_cell.angle_alpha   90.00
_cell.angle_beta   90.00
_cell.angle_gamma   90.00
#
_symmetry.space_group_name_H-M   'I 2 2 2'
#
loop_
_entity.id
_entity.type
_entity.pdbx_description
1 polymer 'PHENYLACETONE MONOOXYGENASE'
2 non-polymer 'FLAVIN-ADENINE DINUCLEOTIDE'
3 non-polymer 'SULFATE ION'
4 water water
#
_entity_poly.entity_id   1
_entity_poly.type   'polypeptide(L)'
_entity_poly.pdbx_seq_one_letter_code
;MAGQTTVDSRRQPPEEVDVLVVGAGFSGLYALYRLRELGRSVHVIETAGDVGGVWYWNRYPGARCDIESIEYCYSFSEEV
LQEWNWTERYASQPEILRYINFVADKFDLRSGITFHTTVTAAAFDEATNTWTVDTNHGDRIRARYLIMASGQLSVPQLPN
FPGLKDFAGNLYHTGNWPHEPVDFSGQRVGVIGTGSSGIQVSPQIAKQAAELFVFQRTPHFAVPARNAPLDPEFLADLKK
RYAEFREESRNTPGGTHRYQGPKSALEVSDEELVETLERYWQEGGPDILAAYRDILRDRDANERVAEFIRNKIRNTVRDP
EVAERLVPKGYPFGTKRLILEIDYYEMFNRDNVHLVDTLSAPIETITPRGVRTSEREYELDSLVLATGFDALTGALFKID
IRGVGNVALKEKWAAGPRTYLGLSTAGFPNLFFIAGPGSPSALSNGLVSIEQHVEWVTDHIAYMFKNGLTRSEAVLEKED
EWVEHVNEIADETLYPMTASWYTGANVPGKPRVFMLYVGGFHRYRQICDEVAAKGYEGFVLT
;
_entity_poly.pdbx_strand_id   A
#
# COMPACT_ATOMS: atom_id res chain seq x y z
N ARG A 10 10.09 -13.07 22.43
CA ARG A 10 10.07 -13.24 23.93
C ARG A 10 8.81 -13.95 24.46
N ARG A 11 7.63 -13.66 23.93
CA ARG A 11 6.57 -14.68 24.02
C ARG A 11 6.97 -15.81 23.05
N GLN A 12 7.17 -17.01 23.60
CA GLN A 12 7.69 -18.14 22.78
C GLN A 12 6.63 -18.64 21.79
N PRO A 13 7.01 -18.81 20.51
CA PRO A 13 6.01 -19.36 19.58
C PRO A 13 5.76 -20.86 19.83
N PRO A 14 4.56 -21.36 19.52
CA PRO A 14 4.23 -22.76 19.77
C PRO A 14 5.00 -23.71 18.86
N GLU A 15 5.12 -24.96 19.27
CA GLU A 15 5.80 -25.95 18.47
C GLU A 15 4.96 -26.35 17.26
N GLU A 16 3.65 -26.37 17.46
CA GLU A 16 2.68 -26.79 16.44
C GLU A 16 1.41 -25.95 16.55
N VAL A 17 0.82 -25.60 15.40
CA VAL A 17 -0.40 -24.77 15.39
C VAL A 17 -1.23 -25.12 14.14
N ASP A 18 -2.55 -24.90 14.14
CA ASP A 18 -3.34 -25.08 12.92
C ASP A 18 -2.88 -24.06 11.85
N VAL A 19 -2.74 -22.79 12.25
CA VAL A 19 -2.43 -21.73 11.27
C VAL A 19 -1.35 -20.80 11.79
N LEU A 20 -0.30 -20.58 10.97
CA LEU A 20 0.69 -19.58 11.34
C LEU A 20 0.54 -18.35 10.42
N VAL A 21 0.42 -17.18 11.04
CA VAL A 21 0.26 -15.92 10.32
C VAL A 21 1.59 -15.12 10.34
N VAL A 22 2.04 -14.61 9.20
CA VAL A 22 3.24 -13.80 9.20
C VAL A 22 2.85 -12.34 9.06
N GLY A 23 3.11 -11.54 10.09
CA GLY A 23 2.83 -10.07 10.06
C GLY A 23 1.69 -9.63 10.94
N ALA A 24 1.87 -8.51 11.66
CA ALA A 24 0.86 -8.03 12.59
C ALA A 24 0.36 -6.60 12.28
N GLY A 25 0.14 -6.28 10.97
CA GLY A 25 -0.55 -5.09 10.54
C GLY A 25 -2.06 -5.39 10.50
N PHE A 26 -2.83 -4.54 9.83
CA PHE A 26 -4.29 -4.74 9.69
C PHE A 26 -4.64 -6.17 9.25
N SER A 27 -3.93 -6.67 8.25
CA SER A 27 -4.18 -8.05 7.72
C SER A 27 -4.01 -9.16 8.76
N GLY A 28 -2.82 -9.24 9.35
CA GLY A 28 -2.48 -10.28 10.28
C GLY A 28 -3.33 -10.26 11.56
N LEU A 29 -3.63 -9.06 12.06
CA LEU A 29 -4.40 -8.96 13.28
C LEU A 29 -5.80 -9.50 13.08
N TYR A 30 -6.44 -9.19 11.97
CA TYR A 30 -7.79 -9.68 11.77
C TYR A 30 -7.80 -11.19 11.42
N ALA A 31 -6.74 -11.68 10.76
CA ALA A 31 -6.59 -13.15 10.56
C ALA A 31 -6.51 -13.85 11.91
N LEU A 32 -5.66 -13.33 12.79
CA LEU A 32 -5.53 -13.87 14.14
C LEU A 32 -6.87 -13.88 14.87
N TYR A 33 -7.54 -12.75 14.92
CA TYR A 33 -8.85 -12.64 15.52
C TYR A 33 -9.89 -13.62 14.93
N ARG A 34 -10.05 -13.60 13.61
CA ARG A 34 -11.09 -14.41 13.00
C ARG A 34 -10.83 -15.92 13.16
N LEU A 35 -9.56 -16.31 13.07
CA LEU A 35 -9.21 -17.73 13.34
C LEU A 35 -9.47 -18.16 14.81
N ARG A 36 -9.13 -17.29 15.76
CA ARG A 36 -9.61 -17.53 17.13
C ARG A 36 -11.12 -17.71 17.19
N GLU A 37 -11.90 -16.79 16.65
CA GLU A 37 -13.33 -16.97 16.69
C GLU A 37 -13.85 -18.26 16.03
N LEU A 38 -13.15 -18.74 14.98
CA LEU A 38 -13.58 -19.95 14.26
C LEU A 38 -13.23 -21.24 15.02
N GLY A 39 -12.55 -21.10 16.15
CA GLY A 39 -12.14 -22.25 16.96
C GLY A 39 -10.83 -22.87 16.56
N ARG A 40 -9.97 -22.15 15.85
CA ARG A 40 -8.70 -22.78 15.46
C ARG A 40 -7.56 -22.35 16.35
N SER A 41 -6.47 -23.12 16.36
CA SER A 41 -5.26 -22.65 17.00
C SER A 41 -4.44 -21.84 15.99
N VAL A 42 -3.89 -20.74 16.48
CA VAL A 42 -3.38 -19.71 15.57
C VAL A 42 -2.39 -18.81 16.29
N HIS A 43 -1.30 -18.48 15.61
CA HIS A 43 -0.25 -17.66 16.17
C HIS A 43 0.33 -16.76 15.06
N VAL A 44 0.81 -15.60 15.49
CA VAL A 44 1.47 -14.61 14.60
C VAL A 44 2.95 -14.42 14.90
N ILE A 45 3.77 -14.25 13.85
CA ILE A 45 5.14 -13.85 13.93
C ILE A 45 5.32 -12.47 13.26
N GLU A 46 5.98 -11.57 13.98
CA GLU A 46 6.16 -10.17 13.51
C GLU A 46 7.58 -9.62 13.78
N THR A 47 8.18 -9.00 12.77
CA THR A 47 9.51 -8.44 12.89
C THR A 47 9.57 -7.30 13.90
N ALA A 48 8.57 -6.43 13.87
CA ALA A 48 8.54 -5.22 14.68
C ALA A 48 8.31 -5.59 16.16
N GLY A 49 8.55 -4.61 17.05
CA GLY A 49 8.31 -4.74 18.48
C GLY A 49 6.85 -4.66 18.88
N ASP A 50 5.95 -4.21 17.99
CA ASP A 50 4.52 -4.11 18.35
C ASP A 50 3.68 -4.15 17.07
N VAL A 51 2.36 -4.07 17.21
CA VAL A 51 1.42 -4.14 16.09
C VAL A 51 1.40 -2.85 15.22
N GLY A 52 0.86 -2.96 14.00
CA GLY A 52 0.48 -1.82 13.18
C GLY A 52 0.98 -1.88 11.74
N GLY A 53 1.98 -2.73 11.44
CA GLY A 53 2.53 -2.90 10.07
C GLY A 53 3.13 -1.59 9.58
N VAL A 54 2.74 -1.13 8.39
CA VAL A 54 3.28 0.16 7.85
C VAL A 54 2.97 1.35 8.78
N TRP A 55 1.87 1.26 9.54
CA TRP A 55 1.46 2.36 10.42
C TRP A 55 2.30 2.40 11.67
N TYR A 56 3.05 1.33 11.90
CA TYR A 56 4.00 1.29 12.97
C TYR A 56 5.37 1.77 12.48
N TRP A 57 5.82 1.28 11.33
CA TRP A 57 7.23 1.55 10.94
C TRP A 57 7.43 2.88 10.15
N ASN A 58 6.36 3.42 9.54
CA ASN A 58 6.40 4.61 8.66
C ASN A 58 5.75 5.75 9.42
N ARG A 59 6.58 6.48 10.19
CA ARG A 59 6.09 7.37 11.24
C ARG A 59 6.62 8.80 11.11
N TYR A 60 7.02 9.18 9.88
CA TYR A 60 7.49 10.56 9.62
C TYR A 60 6.36 11.61 9.77
N PRO A 61 6.74 12.87 10.09
CA PRO A 61 5.73 13.92 10.23
C PRO A 61 4.96 14.17 8.94
N GLY A 62 3.63 14.21 9.05
CA GLY A 62 2.81 14.40 7.86
C GLY A 62 2.30 13.08 7.26
N ALA A 63 2.82 11.92 7.71
CA ALA A 63 2.31 10.65 7.17
C ALA A 63 0.80 10.52 7.44
N ARG A 64 0.05 10.24 6.40
CA ARG A 64 -1.38 10.35 6.45
C ARG A 64 -1.97 9.43 5.41
N CYS A 65 -3.13 8.86 5.72
CA CYS A 65 -3.84 7.95 4.81
C CYS A 65 -4.44 8.77 3.64
N ASP A 66 -4.58 8.17 2.47
CA ASP A 66 -5.19 8.88 1.32
C ASP A 66 -6.67 8.49 1.06
N ILE A 67 -7.28 7.81 2.00
CA ILE A 67 -8.68 7.40 1.94
C ILE A 67 -9.35 7.89 3.23
N GLU A 68 -10.59 8.37 3.13
CA GLU A 68 -11.30 8.92 4.29
C GLU A 68 -11.35 7.98 5.48
N SER A 69 -11.19 8.55 6.67
CA SER A 69 -11.25 7.86 7.98
C SER A 69 -12.48 6.96 8.14
N ILE A 70 -13.65 7.42 7.72
CA ILE A 70 -14.87 6.64 7.91
C ILE A 70 -14.92 5.36 7.06
N GLU A 71 -14.08 5.30 6.00
CA GLU A 71 -13.95 4.17 5.07
C GLU A 71 -12.76 3.27 5.44
N TYR A 72 -11.65 3.89 5.87
CA TYR A 72 -10.42 3.19 6.18
C TYR A 72 -10.41 2.74 7.66
N CYS A 73 -11.21 1.71 7.93
CA CYS A 73 -11.36 1.20 9.29
C CYS A 73 -11.92 -0.23 9.16
N TYR A 74 -11.84 -0.99 10.23
CA TYR A 74 -12.46 -2.31 10.31
C TYR A 74 -13.96 -2.21 10.44
N SER A 75 -14.67 -3.22 9.92
CA SER A 75 -16.12 -3.27 10.11
C SER A 75 -16.62 -4.57 10.78
N PHE A 76 -15.71 -5.44 11.24
CA PHE A 76 -16.10 -6.79 11.67
C PHE A 76 -16.67 -6.74 13.11
N SER A 77 -16.41 -5.63 13.82
CA SER A 77 -16.88 -5.52 15.22
C SER A 77 -17.80 -4.34 15.36
N GLU A 78 -19.06 -4.63 15.74
CA GLU A 78 -20.00 -3.52 15.97
C GLU A 78 -19.50 -2.62 17.14
N GLU A 79 -18.91 -3.19 18.18
CA GLU A 79 -18.43 -2.36 19.32
C GLU A 79 -17.30 -1.41 18.89
N VAL A 80 -16.35 -1.93 18.11
CA VAL A 80 -15.32 -1.04 17.52
C VAL A 80 -15.91 0.12 16.73
N LEU A 81 -16.85 -0.18 15.85
CA LEU A 81 -17.46 0.87 15.06
C LEU A 81 -18.10 1.96 15.92
N GLN A 82 -18.74 1.56 17.02
CA GLN A 82 -19.46 2.51 17.90
C GLN A 82 -18.52 3.21 18.87
N GLU A 83 -17.46 2.54 19.31
CA GLU A 83 -16.57 3.12 20.27
C GLU A 83 -15.54 4.11 19.68
N TRP A 84 -15.08 3.92 18.43
CA TRP A 84 -13.95 4.75 17.95
C TRP A 84 -14.43 6.04 17.38
N ASN A 85 -13.75 7.13 17.74
CA ASN A 85 -14.10 8.47 17.26
C ASN A 85 -12.98 9.01 16.37
N TRP A 86 -13.13 8.86 15.06
CA TRP A 86 -12.16 9.46 14.12
C TRP A 86 -12.24 10.98 14.20
N THR A 87 -11.12 11.68 14.11
CA THR A 87 -11.12 13.15 14.36
C THR A 87 -11.05 14.00 13.09
N GLU A 88 -10.54 13.45 12.01
CA GLU A 88 -10.32 14.23 10.79
C GLU A 88 -10.84 13.50 9.56
N ARG A 89 -11.02 14.23 8.47
CA ARG A 89 -11.42 13.63 7.21
C ARG A 89 -10.46 12.50 6.72
N TYR A 90 -9.14 12.74 6.76
CA TYR A 90 -8.10 11.74 6.43
C TYR A 90 -7.23 11.60 7.64
N ALA A 91 -7.10 10.37 8.18
CA ALA A 91 -6.47 10.18 9.50
C ALA A 91 -4.94 10.18 9.39
N SER A 92 -4.27 10.78 10.39
CA SER A 92 -2.81 10.79 10.44
C SER A 92 -2.28 9.42 10.87
N GLN A 93 -1.04 9.12 10.53
CA GLN A 93 -0.40 7.91 10.98
C GLN A 93 -0.53 7.69 12.52
N PRO A 94 -0.25 8.73 13.34
CA PRO A 94 -0.34 8.49 14.79
C PRO A 94 -1.75 8.10 15.22
N GLU A 95 -2.76 8.68 14.60
CA GLU A 95 -4.15 8.29 14.92
C GLU A 95 -4.51 6.87 14.42
N ILE A 96 -4.09 6.53 13.21
CA ILE A 96 -4.25 5.14 12.77
C ILE A 96 -3.59 4.11 13.69
N LEU A 97 -2.36 4.40 14.08
CA LEU A 97 -1.64 3.53 15.00
C LEU A 97 -2.35 3.38 16.37
N ARG A 98 -2.89 4.47 16.91
CA ARG A 98 -3.73 4.39 18.12
C ARG A 98 -4.95 3.48 17.91
N TYR A 99 -5.59 3.59 16.75
CA TYR A 99 -6.74 2.73 16.44
C TYR A 99 -6.38 1.24 16.41
N ILE A 100 -5.29 0.93 15.75
CA ILE A 100 -4.86 -0.45 15.68
C ILE A 100 -4.46 -0.99 17.08
N ASN A 101 -3.71 -0.18 17.83
CA ASN A 101 -3.39 -0.58 19.22
C ASN A 101 -4.65 -0.78 20.10
N PHE A 102 -5.68 0.04 19.90
CA PHE A 102 -6.94 -0.14 20.58
C PHE A 102 -7.57 -1.50 20.23
N VAL A 103 -7.60 -1.83 18.94
CA VAL A 103 -8.22 -3.08 18.51
C VAL A 103 -7.47 -4.22 19.18
N ALA A 104 -6.15 -4.20 19.13
CA ALA A 104 -5.34 -5.25 19.71
C ALA A 104 -5.51 -5.36 21.26
N ASP A 105 -5.65 -4.21 21.92
CA ASP A 105 -5.83 -4.17 23.39
C ASP A 105 -7.20 -4.76 23.74
N LYS A 106 -8.21 -4.36 23.01
CA LYS A 106 -9.62 -4.77 23.27
C LYS A 106 -9.82 -6.31 23.19
N PHE A 107 -9.20 -6.91 22.16
CA PHE A 107 -9.36 -8.35 21.93
C PHE A 107 -8.20 -9.21 22.41
N ASP A 108 -7.31 -8.63 23.19
CA ASP A 108 -6.21 -9.36 23.81
C ASP A 108 -5.40 -10.12 22.76
N LEU A 109 -5.07 -9.44 21.65
CA LEU A 109 -4.44 -10.14 20.53
C LEU A 109 -2.98 -10.40 20.70
N ARG A 110 -2.28 -9.61 21.52
CA ARG A 110 -0.83 -9.79 21.66
C ARG A 110 -0.40 -11.09 22.33
N SER A 111 -1.30 -11.72 23.11
CA SER A 111 -1.06 -13.07 23.64
C SER A 111 -0.85 -14.09 22.50
N GLY A 112 -1.22 -13.73 21.27
CA GLY A 112 -1.08 -14.65 20.16
C GLY A 112 0.00 -14.24 19.18
N ILE A 113 0.84 -13.30 19.61
CA ILE A 113 1.89 -12.75 18.74
C ILE A 113 3.29 -12.86 19.36
N THR A 114 4.26 -13.31 18.56
CA THR A 114 5.67 -13.27 18.90
C THR A 114 6.29 -12.11 18.13
N PHE A 115 6.73 -11.07 18.85
CA PHE A 115 7.38 -9.89 18.26
C PHE A 115 8.89 -10.04 18.17
N HIS A 116 9.54 -9.05 17.57
CA HIS A 116 10.99 -9.01 17.41
C HIS A 116 11.58 -10.21 16.68
N THR A 117 10.82 -10.82 15.78
CA THR A 117 11.12 -12.14 15.19
C THR A 117 10.77 -12.15 13.69
N THR A 118 11.72 -12.58 12.87
CA THR A 118 11.52 -12.65 11.43
C THR A 118 11.47 -14.06 10.87
N VAL A 119 10.42 -14.41 10.13
CA VAL A 119 10.35 -15.71 9.45
C VAL A 119 11.37 -15.68 8.34
N THR A 120 12.24 -16.70 8.30
CA THR A 120 13.35 -16.77 7.33
C THR A 120 13.17 -17.85 6.26
N ALA A 121 12.45 -18.93 6.60
CA ALA A 121 12.24 -19.99 5.62
C ALA A 121 11.02 -20.79 5.98
N ALA A 122 10.44 -21.45 4.98
CA ALA A 122 9.33 -22.36 5.17
C ALA A 122 9.35 -23.43 4.05
N ALA A 123 9.08 -24.68 4.43
CA ALA A 123 8.98 -25.79 3.46
C ALA A 123 7.83 -26.70 3.83
N PHE A 124 7.24 -27.27 2.79
CA PHE A 124 6.03 -28.08 2.92
C PHE A 124 6.35 -29.58 3.00
N ASP A 125 5.65 -30.29 3.89
CA ASP A 125 5.84 -31.72 4.13
C ASP A 125 4.60 -32.49 3.67
N GLU A 126 4.76 -33.19 2.55
CA GLU A 126 3.69 -33.99 1.98
C GLU A 126 3.25 -35.13 2.90
N ALA A 127 4.18 -35.63 3.68
CA ALA A 127 3.87 -36.74 4.59
C ALA A 127 2.83 -36.32 5.65
N THR A 128 2.91 -35.07 6.14
CA THR A 128 2.01 -34.58 7.18
C THR A 128 0.98 -33.52 6.74
N ASN A 129 1.14 -33.04 5.50
CA ASN A 129 0.42 -31.88 4.99
C ASN A 129 0.60 -30.65 5.90
N THR A 130 1.84 -30.36 6.26
CA THR A 130 2.16 -29.20 7.10
C THR A 130 3.40 -28.45 6.61
N TRP A 131 3.45 -27.17 6.95
CA TRP A 131 4.62 -26.34 6.74
C TRP A 131 5.56 -26.43 7.94
N THR A 132 6.86 -26.39 7.71
CA THR A 132 7.76 -26.19 8.84
C THR A 132 8.41 -24.85 8.62
N VAL A 133 8.28 -23.99 9.61
CA VAL A 133 8.70 -22.59 9.46
C VAL A 133 9.83 -22.27 10.43
N ASP A 134 10.84 -21.57 9.94
CA ASP A 134 12.03 -21.21 10.71
C ASP A 134 12.06 -19.70 10.88
N THR A 135 12.67 -19.24 11.98
CA THR A 135 12.82 -17.80 12.22
C THR A 135 14.30 -17.45 12.51
N ASN A 136 14.60 -16.17 12.57
CA ASN A 136 15.96 -15.70 12.85
C ASN A 136 16.41 -15.81 14.32
N HIS A 137 15.54 -16.32 15.20
CA HIS A 137 15.92 -16.71 16.56
C HIS A 137 15.99 -18.24 16.70
N GLY A 138 15.98 -18.93 15.56
CA GLY A 138 16.08 -20.38 15.52
C GLY A 138 14.84 -21.08 16.01
N ASP A 139 13.67 -20.44 15.95
CA ASP A 139 12.45 -21.16 16.27
C ASP A 139 12.13 -22.04 15.07
N ARG A 140 11.53 -23.18 15.34
CA ARG A 140 10.99 -24.05 14.32
C ARG A 140 9.51 -24.29 14.66
N ILE A 141 8.63 -23.92 13.73
CA ILE A 141 7.19 -24.04 13.97
C ILE A 141 6.55 -24.98 12.94
N ARG A 142 5.69 -25.91 13.40
CA ARG A 142 4.90 -26.69 12.44
C ARG A 142 3.47 -26.21 12.37
N ALA A 143 3.05 -25.87 11.16
CA ALA A 143 1.73 -25.30 10.98
C ALA A 143 1.07 -26.00 9.82
N ARG A 144 -0.18 -26.40 9.99
CA ARG A 144 -0.89 -26.92 8.84
C ARG A 144 -1.00 -25.89 7.68
N TYR A 145 -1.46 -24.68 8.01
CA TYR A 145 -1.63 -23.58 7.03
C TYR A 145 -0.75 -22.39 7.33
N LEU A 146 -0.33 -21.73 6.27
CA LEU A 146 0.58 -20.58 6.39
C LEU A 146 -0.11 -19.38 5.73
N ILE A 147 -0.32 -18.30 6.48
CA ILE A 147 -0.94 -17.12 5.95
C ILE A 147 0.08 -15.95 5.88
N MET A 148 0.34 -15.47 4.67
CA MET A 148 1.30 -14.35 4.45
C MET A 148 0.55 -13.04 4.56
N ALA A 149 0.61 -12.44 5.75
CA ALA A 149 -0.02 -11.11 5.92
C ALA A 149 1.14 -10.06 5.97
N SER A 150 2.09 -10.25 5.07
CA SER A 150 3.35 -9.54 5.10
C SER A 150 3.34 -8.23 4.30
N GLY A 151 2.21 -7.82 3.74
CA GLY A 151 2.06 -6.43 3.31
C GLY A 151 2.51 -6.19 1.87
N GLN A 152 2.31 -4.95 1.41
CA GLN A 152 2.60 -4.53 0.03
C GLN A 152 3.82 -3.59 -0.01
N LEU A 153 4.00 -2.78 1.04
CA LEU A 153 5.10 -1.82 1.12
C LEU A 153 6.24 -2.24 1.98
N SER A 154 7.45 -2.09 1.45
CA SER A 154 8.62 -2.33 2.25
C SER A 154 9.79 -1.48 1.76
N VAL A 155 10.86 -1.48 2.55
CA VAL A 155 12.09 -0.72 2.33
C VAL A 155 12.75 -1.17 1.03
N PRO A 156 13.13 -0.23 0.16
CA PRO A 156 13.73 -0.71 -1.09
C PRO A 156 15.12 -1.32 -0.85
N GLN A 157 15.50 -2.29 -1.68
CA GLN A 157 16.77 -3.01 -1.55
C GLN A 157 17.73 -2.39 -2.55
N LEU A 158 18.19 -1.19 -2.21
CA LEU A 158 19.09 -0.46 -3.10
C LEU A 158 20.16 0.22 -2.27
N PRO A 159 21.41 0.29 -2.80
CA PRO A 159 22.44 1.10 -2.13
C PRO A 159 21.93 2.53 -2.00
N ASN A 160 22.43 3.24 -1.01
CA ASN A 160 22.16 4.67 -0.91
C ASN A 160 23.04 5.48 -1.83
N PHE A 161 22.69 6.76 -1.97
CA PHE A 161 23.50 7.70 -2.72
C PHE A 161 24.94 7.59 -2.27
N PRO A 162 25.88 7.67 -3.22
CA PRO A 162 27.29 7.63 -2.81
C PRO A 162 27.57 8.74 -1.78
N GLY A 163 28.29 8.37 -0.73
CA GLY A 163 28.80 9.34 0.23
C GLY A 163 27.86 9.53 1.42
N LEU A 164 26.68 8.91 1.37
CA LEU A 164 25.66 9.14 2.40
C LEU A 164 26.25 8.98 3.79
N LYS A 165 27.09 7.98 3.99
CA LYS A 165 27.62 7.73 5.33
C LYS A 165 28.64 8.81 5.79
N ASP A 166 29.15 9.62 4.87
CA ASP A 166 30.07 10.70 5.25
C ASP A 166 29.35 11.98 5.68
N PHE A 167 28.03 12.04 5.55
CA PHE A 167 27.34 13.29 5.93
C PHE A 167 27.62 13.59 7.40
N ALA A 168 28.06 14.81 7.68
CA ALA A 168 28.45 15.18 9.06
C ALA A 168 27.33 15.81 9.89
N GLY A 169 26.20 16.20 9.24
CA GLY A 169 25.05 16.74 9.98
C GLY A 169 24.11 15.64 10.51
N ASN A 170 22.84 15.97 10.79
CA ASN A 170 21.88 14.98 11.30
C ASN A 170 21.21 14.32 10.10
N LEU A 171 21.15 13.00 10.07
CA LEU A 171 20.60 12.32 8.88
C LEU A 171 19.32 11.62 9.29
N TYR A 172 18.24 11.78 8.54
CA TYR A 172 16.96 11.17 8.92
C TYR A 172 16.41 10.38 7.75
N HIS A 173 15.73 9.27 8.04
CA HIS A 173 15.13 8.47 6.98
C HIS A 173 13.62 8.46 7.23
N THR A 174 12.81 8.81 6.24
CA THR A 174 11.32 8.75 6.44
C THR A 174 10.85 7.34 6.86
N GLY A 175 11.59 6.32 6.41
CA GLY A 175 11.27 4.89 6.63
C GLY A 175 11.66 4.38 8.02
N ASN A 176 12.39 5.22 8.75
CA ASN A 176 12.73 4.89 10.14
C ASN A 176 12.93 6.18 10.92
N TRP A 177 11.84 6.94 11.08
CA TRP A 177 11.90 8.25 11.70
C TRP A 177 12.05 8.07 13.21
N PRO A 178 12.80 8.98 13.89
CA PRO A 178 12.97 8.90 15.35
C PRO A 178 11.63 8.89 16.05
N HIS A 179 11.62 8.28 17.23
CA HIS A 179 10.42 8.21 18.07
C HIS A 179 10.09 9.54 18.77
N GLU A 180 11.08 10.26 19.25
CA GLU A 180 10.81 11.60 19.80
C GLU A 180 10.87 12.64 18.66
N PRO A 181 10.06 13.73 18.76
CA PRO A 181 9.93 14.78 17.74
C PRO A 181 11.24 15.49 17.39
N VAL A 182 11.42 15.82 16.11
CA VAL A 182 12.63 16.46 15.62
C VAL A 182 12.31 17.93 15.39
N ASP A 183 13.11 18.78 15.99
CA ASP A 183 12.92 20.20 15.83
C ASP A 183 13.91 20.68 14.77
N PHE A 184 13.42 21.21 13.64
CA PHE A 184 14.32 21.75 12.58
C PHE A 184 14.51 23.28 12.64
N SER A 185 14.04 23.91 13.74
CA SER A 185 14.20 25.39 13.88
C SER A 185 15.63 25.81 13.68
N GLY A 186 15.83 26.83 12.88
CA GLY A 186 17.13 27.47 12.73
C GLY A 186 18.01 26.75 11.72
N GLN A 187 17.52 25.64 11.16
CA GLN A 187 18.37 24.74 10.39
C GLN A 187 18.24 24.85 8.88
N ARG A 188 19.32 24.58 8.16
CA ARG A 188 19.30 24.40 6.72
C ARG A 188 19.07 22.91 6.50
N VAL A 189 17.98 22.56 5.83
CA VAL A 189 17.56 21.15 5.74
C VAL A 189 17.38 20.77 4.28
N GLY A 190 17.80 19.58 3.89
CA GLY A 190 17.60 19.06 2.55
C GLY A 190 16.65 17.85 2.60
N VAL A 191 15.70 17.76 1.65
CA VAL A 191 14.88 16.54 1.51
C VAL A 191 15.17 15.96 0.11
N ILE A 192 15.58 14.69 0.09
CA ILE A 192 15.83 14.02 -1.18
C ILE A 192 14.74 12.98 -1.42
N GLY A 193 13.94 13.23 -2.46
CA GLY A 193 12.85 12.34 -2.90
C GLY A 193 11.53 13.06 -2.83
N THR A 194 10.79 13.03 -3.91
CA THR A 194 9.47 13.75 -3.94
C THR A 194 8.36 12.84 -4.40
N GLY A 195 8.45 11.54 -4.04
CA GLY A 195 7.25 10.71 -4.07
C GLY A 195 6.38 10.96 -2.83
N SER A 196 5.62 9.95 -2.45
CA SER A 196 4.68 10.06 -1.37
C SER A 196 5.26 10.62 -0.06
N SER A 197 6.36 10.02 0.41
CA SER A 197 6.95 10.45 1.69
C SER A 197 7.45 11.89 1.61
N GLY A 198 8.06 12.27 0.48
CA GLY A 198 8.60 13.65 0.30
C GLY A 198 7.54 14.73 0.27
N ILE A 199 6.49 14.47 -0.50
CA ILE A 199 5.41 15.38 -0.61
C ILE A 199 4.71 15.56 0.75
N GLN A 200 4.55 14.48 1.50
CA GLN A 200 3.90 14.62 2.82
C GLN A 200 4.77 15.24 3.87
N VAL A 201 6.06 14.90 3.92
CA VAL A 201 6.91 15.40 5.01
C VAL A 201 7.37 16.87 4.77
N SER A 202 7.53 17.29 3.51
CA SER A 202 8.25 18.58 3.26
C SER A 202 7.51 19.83 3.84
N PRO A 203 6.18 19.93 3.62
CA PRO A 203 5.52 21.12 4.15
C PRO A 203 5.60 21.20 5.67
N GLN A 204 5.71 20.08 6.37
CA GLN A 204 5.86 20.09 7.85
C GLN A 204 7.24 20.65 8.19
N ILE A 205 8.24 20.19 7.47
CA ILE A 205 9.61 20.73 7.70
C ILE A 205 9.72 22.20 7.36
N ALA A 206 9.08 22.62 6.26
CA ALA A 206 9.12 24.01 5.83
C ALA A 206 8.59 24.99 6.90
N LYS A 207 7.71 24.53 7.78
CA LYS A 207 7.19 25.39 8.85
C LYS A 207 8.26 25.79 9.86
N GLN A 208 9.33 25.01 9.99
CA GLN A 208 10.29 25.21 11.05
C GLN A 208 11.64 25.62 10.54
N ALA A 209 12.03 25.13 9.36
CA ALA A 209 13.43 25.20 8.92
C ALA A 209 13.84 26.64 8.61
N ALA A 210 15.10 27.01 8.84
CA ALA A 210 15.59 28.30 8.33
C ALA A 210 15.57 28.26 6.81
N GLU A 211 16.07 27.16 6.20
CA GLU A 211 16.03 27.00 4.72
C GLU A 211 15.73 25.53 4.41
N LEU A 212 14.96 25.28 3.36
CA LEU A 212 14.68 23.90 3.00
C LEU A 212 14.98 23.73 1.51
N PHE A 213 15.82 22.76 1.15
CA PHE A 213 16.06 22.46 -0.26
C PHE A 213 15.38 21.13 -0.59
N VAL A 214 14.56 21.10 -1.65
CA VAL A 214 13.83 19.90 -2.02
C VAL A 214 14.51 19.40 -3.28
N PHE A 215 15.04 18.21 -3.21
CA PHE A 215 15.78 17.68 -4.37
C PHE A 215 14.85 16.73 -5.10
N GLN A 216 14.37 17.20 -6.25
CA GLN A 216 13.37 16.49 -7.00
C GLN A 216 13.98 15.84 -8.25
N ARG A 217 13.70 14.56 -8.45
CA ARG A 217 14.12 13.91 -9.69
C ARG A 217 12.88 13.87 -10.58
N THR A 218 12.05 12.85 -10.48
CA THR A 218 10.83 12.82 -11.28
C THR A 218 9.71 13.53 -10.56
N PRO A 219 9.06 14.52 -11.21
CA PRO A 219 7.91 15.13 -10.52
C PRO A 219 6.70 14.18 -10.55
N HIS A 220 5.99 14.06 -9.41
CA HIS A 220 4.80 13.21 -9.31
C HIS A 220 3.54 14.06 -9.32
N PHE A 221 2.40 13.49 -9.72
CA PHE A 221 1.10 14.17 -9.57
C PHE A 221 0.64 14.08 -8.12
N ALA A 222 -0.01 15.12 -7.61
CA ALA A 222 -0.62 15.09 -6.30
C ALA A 222 -1.78 16.04 -6.35
N VAL A 223 -2.82 15.78 -5.56
CA VAL A 223 -4.00 16.64 -5.53
C VAL A 223 -4.27 17.04 -4.09
N PRO A 224 -5.01 18.14 -3.87
CA PRO A 224 -5.18 18.63 -2.53
C PRO A 224 -6.04 17.67 -1.72
N ALA A 225 -5.65 17.47 -0.46
CA ALA A 225 -6.45 16.72 0.51
C ALA A 225 -7.73 17.46 0.87
N ARG A 226 -7.66 18.77 1.11
CA ARG A 226 -8.71 19.52 1.80
C ARG A 226 -9.11 18.80 3.08
N ASN A 227 -8.11 18.45 3.90
CA ASN A 227 -8.39 17.82 5.18
C ASN A 227 -9.13 18.79 6.10
N ALA A 228 -9.98 18.27 6.98
CA ALA A 228 -10.82 19.10 7.84
C ALA A 228 -11.25 18.28 9.04
N PRO A 229 -11.64 18.96 10.13
CA PRO A 229 -12.10 18.14 11.27
C PRO A 229 -13.41 17.45 10.86
N LEU A 230 -13.64 16.27 11.43
CA LEU A 230 -14.86 15.51 11.17
C LEU A 230 -15.99 16.03 12.06
N ASP A 231 -17.09 16.50 11.45
CA ASP A 231 -18.20 17.00 12.25
C ASP A 231 -18.77 15.89 13.16
N PRO A 232 -18.77 16.12 14.50
CA PRO A 232 -19.28 15.10 15.45
C PRO A 232 -20.73 14.69 15.14
N GLU A 233 -21.54 15.65 14.73
CA GLU A 233 -22.94 15.34 14.39
C GLU A 233 -23.06 14.39 13.17
N PHE A 234 -22.22 14.61 12.17
CA PHE A 234 -22.17 13.69 11.05
C PHE A 234 -21.73 12.27 11.53
N LEU A 235 -20.72 12.21 12.37
CA LEU A 235 -20.21 10.93 12.87
C LEU A 235 -21.30 10.16 13.67
N ALA A 236 -22.04 10.85 14.54
CA ALA A 236 -23.22 10.28 15.23
C ALA A 236 -24.31 9.75 14.28
N ASP A 237 -24.64 10.49 13.23
CA ASP A 237 -25.60 9.98 12.25
C ASP A 237 -25.07 8.73 11.57
N LEU A 238 -23.79 8.76 11.20
CA LEU A 238 -23.15 7.65 10.52
C LEU A 238 -23.20 6.39 11.38
N LYS A 239 -22.86 6.52 12.65
CA LYS A 239 -22.80 5.38 13.55
C LYS A 239 -24.14 4.64 13.71
N LYS A 240 -25.26 5.35 13.59
CA LYS A 240 -26.62 4.72 13.61
C LYS A 240 -26.92 3.82 12.42
N ARG A 241 -26.19 4.00 11.29
CA ARG A 241 -26.39 3.17 10.10
C ARG A 241 -25.06 2.67 9.51
N TYR A 242 -24.07 2.47 10.38
CA TYR A 242 -22.71 2.19 9.91
C TYR A 242 -22.65 0.90 9.09
N ALA A 243 -23.41 -0.12 9.52
CA ALA A 243 -23.43 -1.40 8.80
C ALA A 243 -23.97 -1.28 7.38
N GLU A 244 -25.03 -0.50 7.19
CA GLU A 244 -25.59 -0.25 5.86
C GLU A 244 -24.59 0.51 4.96
N PHE A 245 -23.92 1.49 5.56
CA PHE A 245 -22.89 2.31 4.90
C PHE A 245 -21.72 1.41 4.40
N ARG A 246 -21.20 0.52 5.25
CA ARG A 246 -20.10 -0.35 4.79
C ARG A 246 -20.52 -1.39 3.74
N GLU A 247 -21.78 -1.86 3.79
CA GLU A 247 -22.27 -2.78 2.74
C GLU A 247 -22.41 -2.03 1.42
N GLU A 248 -22.74 -0.73 1.47
CA GLU A 248 -22.63 0.08 0.24
C GLU A 248 -21.19 0.13 -0.28
N SER A 249 -20.22 0.29 0.62
CA SER A 249 -18.80 0.39 0.20
C SER A 249 -18.31 -0.88 -0.46
N ARG A 250 -18.75 -2.03 0.06
CA ARG A 250 -18.40 -3.33 -0.54
C ARG A 250 -18.96 -3.49 -1.95
N ASN A 251 -19.95 -2.68 -2.30
CA ASN A 251 -20.58 -2.79 -3.61
C ASN A 251 -20.10 -1.76 -4.63
N THR A 252 -18.81 -1.46 -4.64
CA THR A 252 -18.24 -0.47 -5.57
C THR A 252 -16.94 -1.00 -6.17
N PRO A 253 -16.43 -0.36 -7.24
CA PRO A 253 -15.17 -0.77 -7.83
C PRO A 253 -13.96 -0.49 -6.88
N GLY A 254 -14.05 0.56 -6.06
CA GLY A 254 -12.89 0.99 -5.23
C GLY A 254 -13.02 0.76 -3.73
N GLY A 255 -14.17 0.26 -3.26
CA GLY A 255 -14.38 0.02 -1.83
C GLY A 255 -14.62 1.30 -1.04
N THR A 256 -14.99 2.40 -1.72
CA THR A 256 -15.44 3.61 -1.02
C THR A 256 -16.72 4.18 -1.66
N HIS A 257 -17.32 5.20 -1.06
CA HIS A 257 -18.42 5.93 -1.74
C HIS A 257 -18.06 6.90 -2.88
N ARG A 258 -16.96 6.70 -3.59
CA ARG A 258 -16.60 7.57 -4.70
C ARG A 258 -17.66 7.60 -5.84
N TYR A 259 -18.24 8.78 -6.12
CA TYR A 259 -19.12 8.96 -7.30
C TYR A 259 -18.46 8.46 -8.60
N GLN A 260 -19.19 7.64 -9.37
CA GLN A 260 -18.65 7.08 -10.62
C GLN A 260 -19.04 7.97 -11.78
N GLY A 261 -18.05 8.45 -12.54
CA GLY A 261 -18.28 9.46 -13.58
C GLY A 261 -18.77 8.89 -14.89
N PRO A 262 -20.04 9.18 -15.25
CA PRO A 262 -20.75 8.66 -16.46
C PRO A 262 -20.15 9.01 -17.84
N LYS A 263 -19.67 10.25 -18.02
CA LYS A 263 -19.25 10.78 -19.33
C LYS A 263 -17.81 10.50 -19.70
N SER A 264 -17.51 10.58 -20.99
CA SER A 264 -16.13 10.61 -21.43
C SER A 264 -15.52 12.01 -21.24
N ALA A 265 -14.28 12.06 -20.76
CA ALA A 265 -13.54 13.33 -20.65
C ALA A 265 -13.23 13.91 -22.04
N LEU A 266 -13.45 13.11 -23.08
CA LEU A 266 -13.18 13.55 -24.44
C LEU A 266 -14.41 14.21 -25.11
N GLU A 267 -15.57 14.07 -24.48
CA GLU A 267 -16.83 14.48 -25.09
C GLU A 267 -17.38 15.82 -24.59
N VAL A 268 -16.75 16.40 -23.56
CA VAL A 268 -17.24 17.68 -23.01
C VAL A 268 -16.47 18.85 -23.63
N SER A 269 -17.08 20.03 -23.59
CA SER A 269 -16.36 21.27 -23.92
C SER A 269 -15.30 21.55 -22.86
N ASP A 270 -14.23 22.24 -23.27
CA ASP A 270 -13.22 22.74 -22.36
C ASP A 270 -13.89 23.38 -21.14
N GLU A 271 -14.99 24.07 -21.40
CA GLU A 271 -15.72 24.78 -20.39
C GLU A 271 -16.30 23.87 -19.33
N GLU A 272 -16.97 22.81 -19.78
CA GLU A 272 -17.59 21.86 -18.88
C GLU A 272 -16.52 21.08 -18.08
N LEU A 273 -15.43 20.72 -18.74
CA LEU A 273 -14.31 20.03 -18.12
C LEU A 273 -13.76 20.81 -16.91
N VAL A 274 -13.35 22.05 -17.16
CA VAL A 274 -12.84 22.94 -16.13
C VAL A 274 -13.83 23.11 -15.00
N GLU A 275 -15.09 23.26 -15.32
CA GLU A 275 -16.09 23.46 -14.28
C GLU A 275 -16.23 22.20 -13.41
N THR A 276 -16.19 21.04 -14.06
CA THR A 276 -16.27 19.75 -13.35
C THR A 276 -14.99 19.47 -12.55
N LEU A 277 -13.82 19.55 -13.18
CA LEU A 277 -12.57 19.28 -12.48
C LEU A 277 -12.27 20.28 -11.34
N GLU A 278 -12.72 21.54 -11.49
CA GLU A 278 -12.49 22.56 -10.45
C GLU A 278 -13.30 22.27 -9.20
N ARG A 279 -14.53 21.81 -9.38
CA ARG A 279 -15.32 21.34 -8.25
C ARG A 279 -14.58 20.22 -7.50
N TYR A 280 -14.01 19.26 -8.21
CA TYR A 280 -13.25 18.21 -7.55
C TYR A 280 -12.00 18.76 -6.83
N TRP A 281 -11.32 19.69 -7.48
CA TRP A 281 -10.10 20.29 -6.91
C TRP A 281 -10.43 20.98 -5.59
N GLN A 282 -11.56 21.66 -5.53
CA GLN A 282 -11.96 22.39 -4.33
C GLN A 282 -12.52 21.46 -3.22
N GLU A 283 -13.18 20.37 -3.62
CA GLU A 283 -13.66 19.36 -2.67
C GLU A 283 -12.50 18.56 -2.11
N GLY A 284 -11.50 18.26 -2.94
CA GLY A 284 -10.32 17.53 -2.51
C GLY A 284 -10.46 16.01 -2.45
N GLY A 285 -9.33 15.33 -2.41
CA GLY A 285 -9.34 13.91 -2.17
C GLY A 285 -9.24 13.22 -3.50
N PRO A 286 -9.23 11.88 -3.48
CA PRO A 286 -8.90 11.16 -4.70
C PRO A 286 -10.09 10.86 -5.64
N ASP A 287 -11.27 11.34 -5.32
CA ASP A 287 -12.50 11.06 -6.11
C ASP A 287 -12.42 11.57 -7.57
N ILE A 288 -11.53 12.51 -7.82
CA ILE A 288 -11.28 13.03 -9.16
C ILE A 288 -10.86 11.95 -10.16
N LEU A 289 -10.34 10.83 -9.63
CA LEU A 289 -9.94 9.71 -10.47
C LEU A 289 -11.10 9.12 -11.25
N ALA A 290 -12.31 9.28 -10.73
CA ALA A 290 -13.52 8.79 -11.39
C ALA A 290 -14.45 9.93 -11.79
N ALA A 291 -13.87 11.08 -12.12
CA ALA A 291 -14.63 12.21 -12.64
C ALA A 291 -15.25 11.84 -13.99
N TYR A 292 -14.49 11.12 -14.80
CA TYR A 292 -14.94 10.59 -16.08
C TYR A 292 -14.64 9.09 -16.13
N ARG A 293 -15.17 8.37 -17.12
CA ARG A 293 -15.15 6.90 -17.11
C ARG A 293 -13.90 6.36 -17.78
N ASP A 294 -13.25 7.18 -18.58
CA ASP A 294 -12.17 6.68 -19.40
C ASP A 294 -10.81 7.27 -19.06
N ILE A 295 -10.71 7.86 -17.88
CA ILE A 295 -9.45 8.48 -17.45
C ILE A 295 -8.34 7.46 -17.43
N LEU A 296 -8.67 6.24 -17.03
CA LEU A 296 -7.69 5.16 -16.99
C LEU A 296 -7.79 4.17 -18.18
N ARG A 297 -8.64 4.49 -19.13
CA ARG A 297 -8.84 3.61 -20.30
C ARG A 297 -8.30 4.17 -21.65
N ASP A 298 -8.23 5.50 -21.75
CA ASP A 298 -7.95 6.21 -23.01
C ASP A 298 -6.76 7.17 -22.88
N ARG A 299 -5.76 7.03 -23.76
CA ARG A 299 -4.54 7.84 -23.69
C ARG A 299 -4.82 9.33 -23.77
N ASP A 300 -5.67 9.70 -24.74
CA ASP A 300 -6.09 11.08 -24.95
C ASP A 300 -6.91 11.64 -23.79
N ALA A 301 -7.78 10.82 -23.20
CA ALA A 301 -8.66 11.26 -22.08
C ALA A 301 -7.90 11.46 -20.76
N ASN A 302 -6.91 10.63 -20.53
CA ASN A 302 -6.02 10.83 -19.40
C ASN A 302 -5.27 12.16 -19.54
N GLU A 303 -4.62 12.33 -20.69
CA GLU A 303 -3.84 13.53 -21.03
C GLU A 303 -4.62 14.83 -20.83
N ARG A 304 -5.91 14.81 -21.15
CA ARG A 304 -6.80 15.91 -20.84
C ARG A 304 -6.96 16.23 -19.37
N VAL A 305 -7.20 15.22 -18.55
CA VAL A 305 -7.31 15.45 -17.11
C VAL A 305 -5.95 15.85 -16.53
N ALA A 306 -4.88 15.25 -17.04
CA ALA A 306 -3.52 15.56 -16.60
C ALA A 306 -3.17 17.04 -16.84
N GLU A 307 -3.55 17.54 -18.02
CA GLU A 307 -3.27 18.93 -18.41
C GLU A 307 -3.94 19.95 -17.47
N PHE A 308 -5.19 19.72 -17.10
CA PHE A 308 -5.84 20.54 -16.11
C PHE A 308 -5.07 20.61 -14.76
N ILE A 309 -4.53 19.47 -14.32
CA ILE A 309 -3.76 19.41 -13.06
C ILE A 309 -2.43 20.14 -13.24
N ARG A 310 -1.78 19.90 -14.36
CA ARG A 310 -0.60 20.66 -14.72
C ARG A 310 -0.82 22.20 -14.63
N ASN A 311 -1.97 22.67 -15.13
CA ASN A 311 -2.35 24.09 -15.04
C ASN A 311 -2.64 24.58 -13.63
N LYS A 312 -3.27 23.74 -12.80
CA LYS A 312 -3.39 24.10 -11.40
C LYS A 312 -2.04 24.29 -10.73
N ILE A 313 -1.06 23.49 -11.06
CA ILE A 313 0.30 23.66 -10.51
C ILE A 313 0.88 25.06 -10.93
N ARG A 314 0.85 25.35 -12.24
CA ARG A 314 1.24 26.67 -12.79
C ARG A 314 0.46 27.84 -12.16
N ASN A 315 -0.82 27.65 -11.85
CA ASN A 315 -1.60 28.71 -11.23
C ASN A 315 -1.14 28.97 -9.80
N THR A 316 -0.68 27.92 -9.11
CA THR A 316 -0.42 28.01 -7.65
C THR A 316 0.97 28.57 -7.35
N VAL A 317 1.94 28.11 -8.11
CA VAL A 317 3.32 28.46 -7.85
C VAL A 317 3.60 29.81 -8.58
N ARG A 318 4.09 30.81 -7.84
CA ARG A 318 4.29 32.16 -8.41
C ARG A 318 5.34 32.25 -9.48
N ASP A 319 6.52 31.70 -9.22
CA ASP A 319 7.62 31.76 -10.14
C ASP A 319 7.37 30.72 -11.26
N PRO A 320 7.11 31.19 -12.52
CA PRO A 320 6.73 30.28 -13.61
C PRO A 320 7.80 29.24 -13.97
N GLU A 321 9.07 29.59 -13.76
CA GLU A 321 10.17 28.70 -14.02
C GLU A 321 10.19 27.53 -12.98
N VAL A 322 10.00 27.87 -11.70
CA VAL A 322 9.85 26.83 -10.66
C VAL A 322 8.63 25.97 -10.95
N ALA A 323 7.48 26.60 -11.29
CA ALA A 323 6.26 25.88 -11.58
C ALA A 323 6.45 24.85 -12.67
N GLU A 324 7.16 25.22 -13.73
CA GLU A 324 7.34 24.30 -14.84
C GLU A 324 8.20 23.09 -14.45
N ARG A 325 9.16 23.29 -13.55
CA ARG A 325 9.98 22.18 -13.09
C ARG A 325 9.13 21.16 -12.27
N LEU A 326 8.06 21.65 -11.60
CA LEU A 326 7.19 20.82 -10.76
C LEU A 326 6.12 20.03 -11.56
N VAL A 327 6.00 20.37 -12.86
CA VAL A 327 4.97 19.82 -13.73
C VAL A 327 5.37 18.42 -14.17
N PRO A 328 4.56 17.40 -13.84
CA PRO A 328 4.82 16.02 -14.30
C PRO A 328 4.56 15.93 -15.78
N LYS A 329 5.47 15.30 -16.52
CA LYS A 329 5.39 15.18 -17.98
C LYS A 329 5.79 13.79 -18.50
N GLY A 330 5.05 13.30 -19.48
CA GLY A 330 5.48 12.12 -20.24
C GLY A 330 4.95 10.79 -19.76
N TYR A 331 4.25 10.78 -18.63
CA TYR A 331 3.67 9.56 -18.13
C TYR A 331 2.24 9.84 -17.67
N PRO A 332 1.37 8.81 -17.68
CA PRO A 332 -0.06 9.01 -17.43
C PRO A 332 -0.37 9.32 -15.98
N PHE A 333 -1.50 9.98 -15.77
CA PHE A 333 -2.01 10.37 -14.48
C PHE A 333 -2.83 9.24 -13.83
N GLY A 334 -2.59 8.99 -12.55
CA GLY A 334 -3.50 8.12 -11.79
C GLY A 334 -3.33 6.61 -11.96
N THR A 335 -2.22 6.17 -12.55
CA THR A 335 -1.99 4.71 -12.70
C THR A 335 -1.32 4.08 -11.45
N LYS A 336 -1.11 4.92 -10.44
CA LYS A 336 -0.61 4.53 -9.13
C LYS A 336 -1.60 5.14 -8.13
N ARG A 337 -1.50 4.79 -6.86
CA ARG A 337 -2.38 5.41 -5.88
C ARG A 337 -2.13 6.95 -5.87
N LEU A 338 -3.21 7.71 -5.88
CA LEU A 338 -3.11 9.17 -5.94
C LEU A 338 -2.62 9.72 -4.59
N ILE A 339 -1.50 10.45 -4.62
CA ILE A 339 -0.95 11.16 -3.45
C ILE A 339 -1.78 12.41 -3.13
N LEU A 340 -2.24 12.56 -1.90
CA LEU A 340 -2.89 13.79 -1.45
C LEU A 340 -1.88 14.74 -0.78
N GLU A 341 -1.88 16.03 -1.16
CA GLU A 341 -0.86 16.99 -0.65
C GLU A 341 -1.59 18.05 0.18
N ILE A 342 -0.90 18.56 1.19
CA ILE A 342 -1.42 19.63 2.01
C ILE A 342 -0.41 20.80 1.92
N ASP A 343 -0.73 21.77 1.07
CA ASP A 343 0.15 22.92 0.87
C ASP A 343 1.53 22.57 0.34
N TYR A 344 1.65 21.51 -0.45
CA TYR A 344 2.94 21.20 -1.02
C TYR A 344 3.31 22.17 -2.14
N TYR A 345 2.37 22.47 -3.03
CA TYR A 345 2.70 23.42 -4.11
C TYR A 345 2.89 24.84 -3.58
N GLU A 346 1.98 25.25 -2.72
CA GLU A 346 2.04 26.55 -2.02
C GLU A 346 3.36 26.76 -1.29
N MET A 347 3.94 25.68 -0.76
CA MET A 347 5.21 25.70 -0.05
C MET A 347 6.32 26.41 -0.87
N PHE A 348 6.37 26.16 -2.17
CA PHE A 348 7.40 26.75 -3.02
C PHE A 348 7.27 28.28 -3.19
N ASN A 349 6.13 28.85 -2.78
CA ASN A 349 6.01 30.30 -2.68
C ASN A 349 6.68 30.94 -1.44
N ARG A 350 7.10 30.15 -0.46
CA ARG A 350 7.82 30.71 0.69
C ARG A 350 9.24 31.09 0.29
N ASP A 351 9.75 32.15 0.91
CA ASP A 351 11.07 32.65 0.53
C ASP A 351 12.20 31.72 0.99
N ASN A 352 11.94 30.91 2.03
CA ASN A 352 12.93 29.97 2.57
C ASN A 352 12.89 28.54 1.92
N VAL A 353 12.15 28.34 0.83
CA VAL A 353 12.02 27.00 0.21
C VAL A 353 12.54 27.08 -1.25
N HIS A 354 13.38 26.11 -1.61
CA HIS A 354 14.12 26.11 -2.86
C HIS A 354 14.03 24.75 -3.52
N LEU A 355 13.58 24.72 -4.76
CA LEU A 355 13.50 23.45 -5.48
C LEU A 355 14.81 23.22 -6.24
N VAL A 356 15.40 22.05 -6.06
CA VAL A 356 16.57 21.69 -6.83
C VAL A 356 16.17 20.55 -7.77
N ASP A 357 16.31 20.81 -9.06
CA ASP A 357 15.92 19.89 -10.12
C ASP A 357 17.08 18.96 -10.42
N THR A 358 16.99 17.71 -9.99
CA THR A 358 18.12 16.79 -10.13
C THR A 358 18.06 15.98 -11.42
N LEU A 359 17.03 16.21 -12.23
CA LEU A 359 17.09 15.79 -13.65
C LEU A 359 18.07 16.62 -14.47
N SER A 360 17.99 17.95 -14.39
CA SER A 360 19.00 18.85 -15.01
C SER A 360 20.36 18.63 -14.42
N ALA A 361 20.46 18.57 -13.10
CA ALA A 361 21.76 18.42 -12.45
C ALA A 361 21.72 17.32 -11.39
N PRO A 362 22.03 16.09 -11.82
CA PRO A 362 21.92 14.97 -10.91
C PRO A 362 22.83 15.15 -9.74
N ILE A 363 22.54 14.43 -8.66
CA ILE A 363 23.40 14.38 -7.50
C ILE A 363 24.68 13.65 -7.82
N GLU A 364 25.83 14.24 -7.49
CA GLU A 364 27.10 13.59 -7.78
C GLU A 364 27.46 12.79 -6.59
N THR A 365 27.35 13.41 -5.41
CA THR A 365 27.66 12.73 -4.18
C THR A 365 27.03 13.45 -2.99
N ILE A 366 26.75 12.69 -1.93
CA ILE A 366 26.51 13.27 -0.64
C ILE A 366 27.89 13.60 -0.05
N THR A 367 28.02 14.82 0.47
CA THR A 367 29.32 15.23 1.05
C THR A 367 29.18 15.41 2.57
N PRO A 368 30.32 15.47 3.29
CA PRO A 368 30.24 15.78 4.71
C PRO A 368 29.44 17.04 4.98
N ARG A 369 29.50 18.02 4.07
CA ARG A 369 28.75 19.27 4.18
C ARG A 369 27.28 19.29 3.74
N GLY A 370 26.87 18.41 2.85
CA GLY A 370 25.55 18.51 2.24
C GLY A 370 25.47 17.72 0.97
N VAL A 371 25.00 18.32 -0.09
CA VAL A 371 24.74 17.55 -1.30
C VAL A 371 25.45 18.24 -2.43
N ARG A 372 26.21 17.48 -3.23
CA ARG A 372 26.86 18.05 -4.41
C ARG A 372 26.17 17.62 -5.71
N THR A 373 25.75 18.57 -6.52
CA THR A 373 25.30 18.24 -7.86
C THR A 373 26.36 18.76 -8.82
N SER A 374 26.10 18.65 -10.12
CA SER A 374 27.01 19.17 -11.18
C SER A 374 27.18 20.69 -11.15
N GLU A 375 26.13 21.42 -10.74
CA GLU A 375 26.23 22.85 -10.62
C GLU A 375 26.92 23.38 -9.35
N ARG A 376 26.65 22.79 -8.17
CA ARG A 376 27.11 23.37 -6.89
C ARG A 376 26.95 22.44 -5.69
N GLU A 377 27.58 22.81 -4.57
CA GLU A 377 27.37 22.15 -3.31
C GLU A 377 26.29 22.92 -2.55
N TYR A 378 25.46 22.18 -1.81
CA TYR A 378 24.44 22.75 -0.94
C TYR A 378 24.81 22.37 0.46
N GLU A 379 25.11 23.36 1.29
CA GLU A 379 25.48 23.05 2.65
C GLU A 379 24.18 22.87 3.47
N LEU A 380 24.11 21.83 4.29
CA LEU A 380 22.93 21.50 5.06
C LEU A 380 23.32 21.13 6.48
N ASP A 381 22.48 21.49 7.45
CA ASP A 381 22.62 21.01 8.84
C ASP A 381 21.98 19.64 9.04
N SER A 382 20.90 19.38 8.28
CA SER A 382 20.13 18.13 8.37
C SER A 382 19.77 17.65 6.96
N LEU A 383 19.79 16.35 6.76
CA LEU A 383 19.37 15.75 5.48
C LEU A 383 18.30 14.68 5.76
N VAL A 384 17.21 14.74 5.01
CA VAL A 384 16.09 13.77 5.14
C VAL A 384 16.03 12.98 3.82
N LEU A 385 16.17 11.67 3.91
CA LEU A 385 15.94 10.78 2.77
C LEU A 385 14.50 10.34 2.80
N ALA A 386 13.75 10.78 1.79
CA ALA A 386 12.30 10.53 1.73
C ALA A 386 12.13 9.39 0.69
N THR A 387 12.28 8.19 1.21
CA THR A 387 12.42 7.03 0.33
C THR A 387 11.09 6.52 -0.21
N GLY A 388 11.13 5.95 -1.41
CA GLY A 388 10.01 5.23 -1.99
C GLY A 388 9.99 3.80 -1.43
N PHE A 389 9.41 2.88 -2.19
CA PHE A 389 9.16 1.51 -1.71
C PHE A 389 9.64 0.45 -2.69
N ASP A 390 9.91 -0.74 -2.17
CA ASP A 390 10.27 -1.92 -2.98
C ASP A 390 9.14 -2.36 -3.90
N ALA A 391 9.41 -3.34 -4.77
CA ALA A 391 8.33 -3.96 -5.53
C ALA A 391 7.29 -4.60 -4.53
N LEU A 392 6.01 -4.73 -4.91
CA LEU A 392 5.00 -5.30 -4.01
C LEU A 392 5.37 -6.71 -3.49
N THR A 393 6.21 -7.43 -4.25
CA THR A 393 6.63 -8.77 -3.88
C THR A 393 7.87 -8.79 -2.99
N GLY A 394 8.40 -7.61 -2.66
CA GLY A 394 9.68 -7.53 -1.91
C GLY A 394 9.72 -8.23 -0.57
N ALA A 395 8.72 -8.04 0.27
CA ALA A 395 8.67 -8.77 1.56
C ALA A 395 8.70 -10.31 1.40
N LEU A 396 7.84 -10.82 0.54
CA LEU A 396 7.75 -12.28 0.33
C LEU A 396 9.08 -12.83 -0.17
N PHE A 397 9.73 -12.14 -1.07
CA PHE A 397 10.97 -12.65 -1.67
C PHE A 397 12.15 -12.74 -0.69
N LYS A 398 12.02 -12.08 0.47
CA LYS A 398 13.01 -12.22 1.53
C LYS A 398 12.93 -13.52 2.33
N ILE A 399 11.85 -14.27 2.14
CA ILE A 399 11.66 -15.53 2.84
C ILE A 399 11.94 -16.69 1.84
N ASP A 400 12.67 -17.70 2.31
CA ASP A 400 13.00 -18.83 1.45
C ASP A 400 11.82 -19.80 1.50
N ILE A 401 10.86 -19.60 0.61
CA ILE A 401 9.68 -20.41 0.62
C ILE A 401 9.84 -21.53 -0.41
N ARG A 402 9.73 -22.77 0.05
CA ARG A 402 9.97 -23.97 -0.79
C ARG A 402 8.70 -24.83 -0.83
N GLY A 403 8.18 -25.10 -2.01
CA GLY A 403 6.99 -25.92 -2.16
C GLY A 403 7.26 -27.33 -2.67
N VAL A 404 6.33 -27.86 -3.44
CA VAL A 404 6.44 -29.24 -3.97
C VAL A 404 7.69 -29.30 -4.86
N GLY A 405 8.53 -30.32 -4.66
CA GLY A 405 9.73 -30.48 -5.49
C GLY A 405 10.86 -29.60 -4.99
N ASN A 406 10.67 -28.99 -3.82
CA ASN A 406 11.65 -28.05 -3.30
C ASN A 406 11.86 -26.82 -4.21
N VAL A 407 10.84 -26.48 -4.99
CA VAL A 407 10.87 -25.29 -5.84
C VAL A 407 10.72 -24.00 -4.97
N ALA A 408 11.53 -22.97 -5.28
CA ALA A 408 11.46 -21.67 -4.59
C ALA A 408 10.36 -20.83 -5.18
N LEU A 409 9.51 -20.25 -4.32
CA LEU A 409 8.49 -19.31 -4.77
C LEU A 409 9.12 -18.19 -5.60
N LYS A 410 10.25 -17.67 -5.13
CA LYS A 410 11.00 -16.62 -5.84
C LYS A 410 11.30 -16.98 -7.32
N GLU A 411 11.68 -18.23 -7.55
CA GLU A 411 12.02 -18.69 -8.91
C GLU A 411 10.74 -18.79 -9.70
N LYS A 412 9.74 -19.47 -9.15
CA LYS A 412 8.48 -19.53 -9.88
C LYS A 412 7.87 -18.18 -10.28
N TRP A 413 8.03 -17.16 -9.44
CA TRP A 413 7.39 -15.86 -9.66
C TRP A 413 8.36 -14.84 -10.29
N ALA A 414 9.49 -15.28 -10.82
CA ALA A 414 10.49 -14.33 -11.39
C ALA A 414 10.00 -13.52 -12.60
N ALA A 415 9.04 -14.03 -13.36
CA ALA A 415 8.43 -13.19 -14.39
C ALA A 415 7.16 -12.49 -13.93
N GLY A 416 6.91 -12.48 -12.62
CA GLY A 416 5.64 -11.91 -12.19
C GLY A 416 4.90 -12.96 -11.38
N PRO A 417 4.09 -12.52 -10.42
CA PRO A 417 3.46 -13.51 -9.48
C PRO A 417 2.35 -14.32 -10.16
N ARG A 418 2.40 -15.62 -10.05
CA ARG A 418 1.46 -16.48 -10.74
C ARG A 418 0.52 -16.99 -9.63
N THR A 419 -0.77 -16.74 -9.70
CA THR A 419 -1.63 -17.13 -8.59
C THR A 419 -3.00 -17.47 -9.16
N TYR A 420 -3.80 -18.15 -8.35
CA TYR A 420 -5.21 -18.31 -8.60
C TYR A 420 -5.95 -17.38 -7.63
N LEU A 421 -6.67 -16.41 -8.22
CA LEU A 421 -7.41 -15.32 -7.51
C LEU A 421 -6.54 -14.43 -6.62
N GLY A 422 -5.21 -14.49 -6.79
CA GLY A 422 -4.27 -13.75 -5.96
C GLY A 422 -4.16 -14.38 -4.56
N LEU A 423 -4.80 -15.53 -4.33
CA LEU A 423 -4.86 -16.11 -2.95
C LEU A 423 -3.90 -17.21 -2.69
N SER A 424 -3.58 -17.98 -3.75
CA SER A 424 -2.78 -19.15 -3.66
C SER A 424 -2.05 -19.43 -4.99
N THR A 425 -0.99 -20.23 -4.91
CA THR A 425 -0.24 -20.56 -6.10
C THR A 425 -0.03 -22.08 -6.15
N ALA A 426 -0.21 -22.66 -7.36
CA ALA A 426 -0.06 -24.10 -7.57
C ALA A 426 1.35 -24.52 -7.20
N GLY A 427 1.49 -25.71 -6.60
CA GLY A 427 2.78 -26.15 -6.09
C GLY A 427 3.16 -25.68 -4.69
N PHE A 428 2.31 -24.88 -4.05
CA PHE A 428 2.57 -24.31 -2.71
C PHE A 428 1.26 -24.48 -1.96
N PRO A 429 0.96 -25.75 -1.58
CA PRO A 429 -0.33 -26.03 -0.93
C PRO A 429 -0.40 -25.37 0.45
N ASN A 430 -1.62 -25.19 0.97
CA ASN A 430 -1.81 -24.65 2.34
C ASN A 430 -1.16 -23.29 2.63
N LEU A 431 -0.83 -22.56 1.57
CA LEU A 431 -0.25 -21.20 1.67
C LEU A 431 -1.19 -20.16 1.06
N PHE A 432 -1.54 -19.11 1.84
CA PHE A 432 -2.48 -18.07 1.38
C PHE A 432 -1.87 -16.66 1.47
N PHE A 433 -2.22 -15.78 0.53
CA PHE A 433 -1.63 -14.41 0.51
C PHE A 433 -2.74 -13.47 0.82
N ILE A 434 -2.55 -12.55 1.76
CA ILE A 434 -3.61 -11.54 2.02
C ILE A 434 -3.26 -10.22 1.35
N ALA A 435 -4.22 -9.69 0.60
CA ALA A 435 -4.16 -8.43 -0.12
C ALA A 435 -2.88 -8.22 -0.90
N GLY A 436 -2.48 -9.25 -1.64
CA GLY A 436 -1.26 -9.21 -2.44
C GLY A 436 -1.50 -9.27 -3.97
N PRO A 437 -0.51 -9.80 -4.70
CA PRO A 437 -0.55 -9.74 -6.16
C PRO A 437 -1.68 -10.61 -6.71
N GLY A 438 -2.33 -10.19 -7.79
CA GLY A 438 -3.38 -11.00 -8.44
C GLY A 438 -4.78 -10.67 -7.96
N SER A 439 -4.87 -9.69 -7.05
CA SER A 439 -6.13 -9.25 -6.45
C SER A 439 -6.21 -7.71 -6.51
N PRO A 440 -7.33 -7.15 -6.01
CA PRO A 440 -7.51 -5.72 -5.99
C PRO A 440 -6.53 -5.02 -5.03
N SER A 441 -6.24 -5.60 -3.88
CA SER A 441 -5.11 -5.16 -3.04
C SER A 441 -4.94 -3.62 -3.02
N ALA A 442 -3.94 -3.13 -3.75
CA ALA A 442 -3.43 -1.75 -3.59
C ALA A 442 -4.17 -0.66 -4.40
N LEU A 443 -5.00 -1.09 -5.34
CA LEU A 443 -5.75 -0.19 -6.18
C LEU A 443 -7.19 -0.09 -5.71
N SER A 444 -7.39 -0.15 -4.40
CA SER A 444 -8.71 -0.02 -3.80
C SER A 444 -8.52 0.26 -2.31
N ASN A 445 -9.57 0.72 -1.64
CA ASN A 445 -9.59 0.88 -0.17
C ASN A 445 -9.08 -0.42 0.42
N GLY A 446 -7.84 -0.40 0.88
CA GLY A 446 -7.21 -1.57 1.46
C GLY A 446 -7.96 -2.30 2.57
N LEU A 447 -8.66 -1.58 3.47
CA LEU A 447 -9.37 -2.25 4.56
C LEU A 447 -10.55 -3.09 4.05
N VAL A 448 -11.25 -2.60 3.03
CA VAL A 448 -12.29 -3.40 2.40
C VAL A 448 -11.69 -4.68 1.77
N SER A 449 -10.52 -4.56 1.12
CA SER A 449 -9.88 -5.71 0.47
C SER A 449 -9.35 -6.70 1.48
N ILE A 450 -8.65 -6.19 2.49
CA ILE A 450 -8.15 -6.99 3.57
C ILE A 450 -9.26 -7.81 4.26
N GLU A 451 -10.38 -7.18 4.59
CA GLU A 451 -11.43 -7.92 5.33
C GLU A 451 -12.03 -9.03 4.43
N GLN A 452 -12.22 -8.74 3.13
CA GLN A 452 -12.74 -9.73 2.18
C GLN A 452 -11.79 -10.92 2.07
N HIS A 453 -10.50 -10.65 1.89
CA HIS A 453 -9.52 -11.75 1.90
C HIS A 453 -9.44 -12.57 3.16
N VAL A 454 -9.41 -11.90 4.32
CA VAL A 454 -9.30 -12.59 5.55
C VAL A 454 -10.54 -13.45 5.76
N GLU A 455 -11.70 -12.90 5.51
CA GLU A 455 -12.92 -13.69 5.65
C GLU A 455 -12.92 -14.93 4.70
N TRP A 456 -12.48 -14.75 3.47
CA TRP A 456 -12.48 -15.81 2.45
C TRP A 456 -11.52 -16.90 2.85
N VAL A 457 -10.31 -16.53 3.23
CA VAL A 457 -9.25 -17.50 3.57
C VAL A 457 -9.59 -18.26 4.90
N THR A 458 -10.01 -17.52 5.95
CA THR A 458 -10.34 -18.16 7.22
C THR A 458 -11.63 -19.02 7.11
N ASP A 459 -12.61 -18.60 6.32
CA ASP A 459 -13.76 -19.45 6.04
C ASP A 459 -13.33 -20.72 5.28
N HIS A 460 -12.45 -20.56 4.30
CA HIS A 460 -11.90 -21.73 3.59
C HIS A 460 -11.23 -22.67 4.53
N ILE A 461 -10.40 -22.12 5.43
CA ILE A 461 -9.68 -22.96 6.39
C ILE A 461 -10.70 -23.63 7.36
N ALA A 462 -11.76 -22.94 7.74
CA ALA A 462 -12.76 -23.58 8.62
C ALA A 462 -13.45 -24.79 7.87
N TYR A 463 -13.74 -24.59 6.59
CA TYR A 463 -14.34 -25.63 5.75
C TYR A 463 -13.52 -26.90 5.66
N MET A 464 -12.21 -26.75 5.53
CA MET A 464 -11.27 -27.87 5.49
C MET A 464 -11.43 -28.72 6.77
N PHE A 465 -11.28 -28.08 7.94
CA PHE A 465 -11.42 -28.79 9.23
C PHE A 465 -12.79 -29.42 9.40
N LYS A 466 -13.84 -28.72 9.01
CA LYS A 466 -15.20 -29.27 9.06
C LYS A 466 -15.39 -30.54 8.22
N ASN A 467 -14.68 -30.62 7.09
CA ASN A 467 -14.87 -31.72 6.17
C ASN A 467 -13.79 -32.79 6.28
N GLY A 468 -12.92 -32.67 7.28
CA GLY A 468 -11.84 -33.65 7.47
C GLY A 468 -10.71 -33.61 6.44
N LEU A 469 -10.59 -32.50 5.72
CA LEU A 469 -9.54 -32.34 4.71
C LEU A 469 -8.30 -31.68 5.29
N THR A 470 -7.12 -31.96 4.74
CA THR A 470 -5.90 -31.39 5.31
C THR A 470 -4.94 -30.69 4.29
N ARG A 471 -5.30 -30.68 2.99
CA ARG A 471 -4.41 -30.09 1.95
C ARG A 471 -5.26 -29.38 0.93
N SER A 472 -4.93 -28.10 0.70
CA SER A 472 -5.62 -27.26 -0.25
C SER A 472 -4.57 -26.71 -1.24
N GLU A 473 -4.81 -26.91 -2.54
CA GLU A 473 -3.84 -26.42 -3.55
C GLU A 473 -4.55 -25.93 -4.79
N ALA A 474 -4.13 -24.76 -5.31
CA ALA A 474 -4.68 -24.27 -6.57
C ALA A 474 -4.43 -25.28 -7.70
N VAL A 475 -5.40 -25.44 -8.59
CA VAL A 475 -5.25 -26.26 -9.82
C VAL A 475 -4.39 -25.42 -10.80
N LEU A 476 -3.34 -26.02 -11.37
CA LEU A 476 -2.43 -25.30 -12.29
C LEU A 476 -3.17 -24.65 -13.47
N GLU A 477 -4.13 -25.36 -14.07
CA GLU A 477 -4.90 -24.78 -15.17
C GLU A 477 -5.68 -23.55 -14.76
N LYS A 478 -6.24 -23.53 -13.55
CA LYS A 478 -7.04 -22.35 -13.18
C LYS A 478 -6.12 -21.18 -12.85
N GLU A 479 -4.95 -21.47 -12.31
CA GLU A 479 -3.93 -20.44 -12.07
C GLU A 479 -3.54 -19.80 -13.45
N ASP A 480 -3.29 -20.62 -14.46
CA ASP A 480 -2.93 -20.10 -15.78
C ASP A 480 -4.06 -19.26 -16.36
N GLU A 481 -5.28 -19.73 -16.23
CA GLU A 481 -6.43 -18.94 -16.66
C GLU A 481 -6.56 -17.58 -15.89
N TRP A 482 -6.31 -17.62 -14.58
CA TRP A 482 -6.42 -16.38 -13.79
C TRP A 482 -5.35 -15.33 -14.19
N VAL A 483 -4.10 -15.77 -14.36
CA VAL A 483 -3.01 -14.90 -14.72
C VAL A 483 -3.31 -14.24 -16.07
N GLU A 484 -3.82 -15.06 -16.99
CA GLU A 484 -4.14 -14.59 -18.32
C GLU A 484 -5.26 -13.59 -18.27
N HIS A 485 -6.29 -13.90 -17.48
CA HIS A 485 -7.42 -13.01 -17.26
C HIS A 485 -6.96 -11.65 -16.64
N VAL A 486 -6.09 -11.69 -15.65
CA VAL A 486 -5.60 -10.44 -15.06
C VAL A 486 -4.84 -9.57 -16.15
N ASN A 487 -4.01 -10.23 -16.95
CA ASN A 487 -3.27 -9.54 -18.05
C ASN A 487 -4.23 -8.94 -19.08
N GLU A 488 -5.22 -9.72 -19.46
CA GLU A 488 -6.15 -9.34 -20.50
C GLU A 488 -6.93 -8.09 -20.09
N ILE A 489 -7.46 -8.05 -18.87
CA ILE A 489 -8.18 -6.82 -18.45
C ILE A 489 -7.26 -5.60 -18.17
N ALA A 490 -6.04 -5.83 -17.69
CA ALA A 490 -5.06 -4.75 -17.56
C ALA A 490 -4.70 -4.15 -18.92
N ASP A 491 -4.50 -5.02 -19.91
CA ASP A 491 -4.14 -4.60 -21.27
C ASP A 491 -5.19 -3.68 -21.92
N GLU A 492 -6.41 -3.59 -21.36
CA GLU A 492 -7.42 -2.65 -21.82
C GLU A 492 -7.38 -1.32 -21.07
N THR A 493 -6.33 -1.07 -20.31
CA THR A 493 -6.31 0.12 -19.45
C THR A 493 -4.97 0.76 -19.67
N LEU A 494 -4.74 1.88 -18.98
CA LEU A 494 -3.47 2.58 -19.07
C LEU A 494 -2.46 2.08 -18.05
N TYR A 495 -2.90 1.25 -17.09
CA TYR A 495 -1.97 0.75 -16.05
C TYR A 495 -0.70 0.14 -16.54
N PRO A 496 -0.75 -0.66 -17.63
CA PRO A 496 0.48 -1.24 -18.19
C PRO A 496 1.55 -0.27 -18.74
N MET A 497 1.23 1.02 -18.89
CA MET A 497 2.23 2.05 -19.23
C MET A 497 3.22 2.35 -18.09
N THR A 498 2.85 1.96 -16.87
CA THR A 498 3.69 2.13 -15.68
C THR A 498 4.48 0.85 -15.39
N ALA A 499 5.77 0.91 -15.73
CA ALA A 499 6.69 -0.23 -15.69
C ALA A 499 6.77 -0.97 -14.36
N SER A 500 6.34 -0.31 -13.30
CA SER A 500 6.59 -0.80 -11.96
C SER A 500 5.58 -1.88 -11.54
N TRP A 501 4.49 -2.03 -12.32
CA TRP A 501 3.47 -3.06 -12.13
C TRP A 501 3.89 -4.44 -12.67
N TYR A 502 5.07 -4.47 -13.30
CA TYR A 502 5.66 -5.70 -13.79
C TYR A 502 6.89 -6.02 -12.98
N THR A 503 7.20 -7.30 -12.87
CA THR A 503 8.45 -7.65 -12.26
C THR A 503 9.45 -7.91 -13.37
N GLY A 504 10.46 -7.06 -13.43
CA GLY A 504 11.46 -7.14 -14.47
C GLY A 504 11.00 -6.60 -15.81
N ALA A 505 11.97 -6.38 -16.71
CA ALA A 505 11.70 -5.85 -18.05
C ALA A 505 10.91 -6.82 -18.91
N ASN A 506 10.20 -6.24 -19.88
CA ASN A 506 9.55 -6.93 -20.98
C ASN A 506 10.58 -7.64 -21.85
N VAL A 507 10.49 -8.97 -21.99
CA VAL A 507 11.48 -9.68 -22.82
C VAL A 507 10.73 -10.53 -23.87
N PRO A 508 10.93 -10.26 -25.18
CA PRO A 508 10.31 -11.14 -26.22
C PRO A 508 10.49 -12.63 -25.93
N GLY A 509 9.44 -13.40 -26.17
CA GLY A 509 9.51 -14.83 -26.03
C GLY A 509 9.44 -15.34 -24.59
N LYS A 510 9.18 -14.43 -23.64
CA LYS A 510 9.07 -14.80 -22.21
C LYS A 510 7.80 -14.20 -21.64
N PRO A 511 7.15 -14.88 -20.65
CA PRO A 511 5.87 -14.37 -20.15
C PRO A 511 6.08 -13.08 -19.37
N ARG A 512 5.04 -12.27 -19.26
CA ARG A 512 5.06 -11.09 -18.35
C ARG A 512 3.75 -10.95 -17.58
N VAL A 513 3.77 -10.92 -16.26
CA VAL A 513 2.52 -10.87 -15.51
C VAL A 513 2.31 -9.51 -14.85
N PHE A 514 1.20 -8.87 -15.19
CA PHE A 514 0.72 -7.65 -14.51
C PHE A 514 0.37 -7.92 -13.02
N MET A 515 0.85 -7.06 -12.11
CA MET A 515 0.79 -7.32 -10.67
C MET A 515 -0.61 -7.46 -10.05
N LEU A 516 -1.62 -6.72 -10.53
CA LEU A 516 -2.92 -6.59 -9.83
C LEU A 516 -4.18 -6.74 -10.69
N TYR A 517 -5.28 -7.12 -10.04
CA TYR A 517 -6.57 -7.25 -10.69
C TYR A 517 -7.20 -5.84 -10.73
N VAL A 518 -7.46 -5.33 -11.92
CA VAL A 518 -7.96 -3.96 -12.03
C VAL A 518 -9.42 -3.94 -12.45
N GLY A 519 -10.11 -5.09 -12.40
CA GLY A 519 -11.54 -5.12 -12.76
C GLY A 519 -12.56 -4.56 -11.79
N GLY A 520 -12.14 -4.20 -10.58
CA GLY A 520 -13.04 -3.60 -9.59
C GLY A 520 -13.32 -4.53 -8.41
N PHE A 521 -13.41 -3.96 -7.21
CA PHE A 521 -13.53 -4.78 -6.01
C PHE A 521 -14.81 -5.62 -5.98
N HIS A 522 -15.94 -5.00 -6.21
CA HIS A 522 -17.22 -5.71 -6.22
C HIS A 522 -17.26 -6.89 -7.19
N ARG A 523 -16.73 -6.69 -8.39
CA ARG A 523 -16.56 -7.79 -9.35
C ARG A 523 -15.67 -8.92 -8.83
N TYR A 524 -14.51 -8.55 -8.28
CA TYR A 524 -13.61 -9.51 -7.72
C TYR A 524 -14.30 -10.30 -6.58
N ARG A 525 -15.03 -9.61 -5.73
CA ARG A 525 -15.69 -10.26 -4.62
C ARG A 525 -16.72 -11.29 -5.11
N GLN A 526 -17.46 -10.97 -6.16
CA GLN A 526 -18.44 -11.91 -6.76
C GLN A 526 -17.77 -13.18 -7.28
N ILE A 527 -16.65 -13.00 -7.97
CA ILE A 527 -15.82 -14.12 -8.41
C ILE A 527 -15.45 -15.02 -7.21
N CYS A 528 -14.85 -14.44 -6.17
CA CYS A 528 -14.47 -15.24 -4.99
C CYS A 528 -15.68 -15.92 -4.32
N ASP A 529 -16.81 -15.24 -4.24
CA ASP A 529 -17.99 -15.81 -3.57
C ASP A 529 -18.52 -17.03 -4.38
N GLU A 530 -18.50 -16.91 -5.71
CA GLU A 530 -18.94 -18.02 -6.57
C GLU A 530 -18.03 -19.23 -6.44
N VAL A 531 -16.71 -18.98 -6.37
CA VAL A 531 -15.74 -20.04 -6.13
C VAL A 531 -16.03 -20.74 -4.81
N ALA A 532 -16.28 -19.97 -3.74
CA ALA A 532 -16.53 -20.63 -2.43
C ALA A 532 -17.88 -21.42 -2.44
N ALA A 533 -18.88 -20.85 -3.10
CA ALA A 533 -20.23 -21.42 -3.14
C ALA A 533 -20.26 -22.73 -3.95
N LYS A 534 -19.36 -22.86 -4.91
CA LYS A 534 -19.23 -24.11 -5.65
C LYS A 534 -18.23 -25.09 -5.04
N GLY A 535 -18.01 -25.04 -3.72
CA GLY A 535 -17.07 -25.93 -3.03
C GLY A 535 -15.58 -25.70 -3.34
N TYR A 536 -15.23 -24.45 -3.63
CA TYR A 536 -13.82 -24.10 -3.93
C TYR A 536 -13.37 -24.67 -5.26
N GLU A 537 -14.22 -24.45 -6.26
CA GLU A 537 -13.89 -24.72 -7.68
C GLU A 537 -12.53 -24.10 -8.05
N GLY A 538 -11.63 -24.96 -8.54
CA GLY A 538 -10.30 -24.57 -8.96
C GLY A 538 -9.26 -24.72 -7.89
N PHE A 539 -9.66 -25.29 -6.73
CA PHE A 539 -8.71 -25.76 -5.75
C PHE A 539 -8.79 -27.28 -5.64
N VAL A 540 -7.66 -27.93 -5.40
CA VAL A 540 -7.73 -29.34 -5.13
C VAL A 540 -7.65 -29.61 -3.63
N LEU A 541 -8.74 -30.15 -3.09
CA LEU A 541 -8.84 -30.39 -1.63
C LEU A 541 -8.75 -31.88 -1.33
N THR A 542 -7.78 -32.29 -0.49
CA THR A 542 -7.62 -33.67 -0.08
C THR A 542 -7.31 -33.80 1.41
#